data_1Y6P
#
_entry.id   1Y6P
#
_cell.length_a   34.988
_cell.length_b   88.383
_cell.length_c   38.560
_cell.angle_alpha   90.00
_cell.angle_beta   105.65
_cell.angle_gamma   90.00
#
_symmetry.space_group_name_H-M   'P 1 21 1'
#
loop_
_entity.id
_entity.type
_entity.pdbx_description
1 polymer 'Phospholipase A2, major isoenzyme'
2 non-polymer 'CALCIUM ION'
3 non-polymer 'CHLORIDE ION'
4 water water
#
_entity_poly.entity_id   1
_entity_poly.type   'polypeptide(L)'
_entity_poly.pdbx_seq_one_letter_code
;ALWQFRSLIKCAIPGSHPLLDFNNYGCYCGLGGSGTPVDELDRCCETHDCCYRDAKNLDSCKFLVDNPYTESYSYSCSNT
EITCNSKNNACEAFICNCDRNAAICFSKAPYNKEHKNLDTKKYCKGESDKC
;
_entity_poly.pdbx_strand_id   A,B
#
# COMPACT_ATOMS: atom_id res chain seq x y z
N ALA A 1 -5.61 4.45 -2.21
CA ALA A 1 -6.54 3.69 -3.10
C ALA A 1 -7.96 4.19 -2.84
N LEU A 2 -8.77 4.21 -3.89
CA LEU A 2 -10.15 4.68 -3.76
C LEU A 2 -10.95 4.01 -2.64
N TRP A 3 -10.87 2.67 -2.55
CA TRP A 3 -11.62 2.00 -1.51
C TRP A 3 -11.12 2.42 -0.13
N GLN A 4 -9.85 2.76 -0.04
CA GLN A 4 -9.28 3.18 1.24
C GLN A 4 -9.84 4.55 1.61
N PHE A 5 -9.96 5.42 0.62
CA PHE A 5 -10.49 6.75 0.86
C PHE A 5 -11.88 6.63 1.46
N ARG A 6 -12.69 5.74 0.90
CA ARG A 6 -14.03 5.51 1.41
C ARG A 6 -14.00 4.98 2.83
N SER A 7 -12.95 4.22 3.16
CA SER A 7 -12.83 3.68 4.51
C SER A 7 -12.55 4.85 5.45
N LEU A 8 -11.75 5.81 4.98
CA LEU A 8 -11.42 6.98 5.79
C LEU A 8 -12.67 7.79 6.09
N ILE A 9 -13.55 7.87 5.10
CA ILE A 9 -14.82 8.58 5.26
C ILE A 9 -15.65 7.86 6.33
N LYS A 10 -15.72 6.53 6.25
CA LYS A 10 -16.50 5.78 7.24
C LYS A 10 -15.90 6.02 8.63
N CYS A 11 -14.58 6.11 8.70
CA CYS A 11 -13.93 6.34 9.98
C CYS A 11 -14.38 7.66 10.61
N ALA A 12 -14.22 8.75 9.86
CA ALA A 12 -14.58 10.08 10.35
C ALA A 12 -16.09 10.28 10.49
N ILE A 13 -16.85 9.59 9.64
CA ILE A 13 -18.30 9.72 9.66
C ILE A 13 -18.91 8.32 9.71
N PRO A 14 -18.87 7.68 10.89
CA PRO A 14 -19.42 6.33 11.06
C PRO A 14 -20.90 6.29 10.70
N GLY A 15 -21.56 7.43 10.83
CA GLY A 15 -22.98 7.49 10.52
C GLY A 15 -23.28 7.59 9.04
N SER A 16 -22.31 7.31 8.18
CA SER A 16 -22.55 7.42 6.75
C SER A 16 -22.16 6.21 5.91
N HIS A 17 -22.56 6.26 4.64
CA HIS A 17 -22.24 5.22 3.67
C HIS A 17 -21.51 5.97 2.56
N PRO A 18 -20.18 6.04 2.66
CA PRO A 18 -19.32 6.74 1.70
C PRO A 18 -19.77 6.74 0.24
N LEU A 19 -20.10 5.57 -0.29
CA LEU A 19 -20.50 5.45 -1.69
C LEU A 19 -21.85 6.08 -2.02
N LEU A 20 -22.90 5.65 -1.33
CA LEU A 20 -24.22 6.18 -1.57
C LEU A 20 -24.31 7.66 -1.22
N ASP A 21 -23.58 8.08 -0.19
CA ASP A 21 -23.65 9.46 0.25
C ASP A 21 -22.71 10.47 -0.40
N PHE A 22 -21.42 10.18 -0.45
CA PHE A 22 -20.46 11.14 -1.00
C PHE A 22 -20.01 10.96 -2.45
N ASN A 23 -20.74 10.13 -3.18
CA ASN A 23 -20.43 9.89 -4.59
C ASN A 23 -21.65 10.40 -5.33
N ASN A 24 -21.44 11.06 -6.45
CA ASN A 24 -22.54 11.62 -7.22
C ASN A 24 -23.28 12.68 -6.39
N TYR A 25 -22.51 13.62 -5.85
CA TYR A 25 -23.06 14.71 -5.07
C TYR A 25 -22.46 15.99 -5.61
N GLY A 26 -23.28 17.02 -5.77
CA GLY A 26 -22.78 18.27 -6.30
C GLY A 26 -22.03 18.08 -7.61
N CYS A 27 -21.10 18.98 -7.89
CA CYS A 27 -20.35 18.91 -9.13
C CYS A 27 -19.01 18.21 -9.01
N TYR A 28 -18.52 18.02 -7.79
CA TYR A 28 -17.22 17.38 -7.59
C TYR A 28 -17.15 16.14 -6.72
N CYS A 29 -18.18 15.86 -5.94
CA CYS A 29 -18.12 14.68 -5.09
C CYS A 29 -18.41 13.43 -5.91
N GLY A 30 -17.32 12.77 -6.30
CA GLY A 30 -17.39 11.56 -7.09
C GLY A 30 -16.14 11.57 -7.96
N LEU A 31 -16.03 10.66 -8.91
CA LEU A 31 -14.84 10.64 -9.77
C LEU A 31 -14.76 11.91 -10.60
N GLY A 32 -13.78 12.76 -10.26
CA GLY A 32 -13.59 14.01 -10.98
C GLY A 32 -14.78 14.95 -10.89
N GLY A 33 -14.70 16.07 -11.60
CA GLY A 33 -15.79 17.03 -11.59
C GLY A 33 -15.50 18.25 -12.43
N SER A 34 -16.53 19.09 -12.59
CA SER A 34 -16.39 20.32 -13.38
C SER A 34 -17.35 21.40 -12.89
N GLY A 35 -17.17 22.61 -13.42
CA GLY A 35 -18.03 23.72 -13.04
C GLY A 35 -17.69 24.36 -11.72
N THR A 36 -18.65 25.07 -11.16
CA THR A 36 -18.47 25.75 -9.87
C THR A 36 -19.11 24.89 -8.79
N PRO A 37 -18.37 24.63 -7.70
CA PRO A 37 -18.88 23.82 -6.60
C PRO A 37 -20.24 24.37 -6.15
N VAL A 38 -21.16 23.49 -5.80
CA VAL A 38 -22.49 23.93 -5.36
C VAL A 38 -22.57 24.33 -3.91
N ASP A 39 -21.66 23.80 -3.08
CA ASP A 39 -21.63 24.13 -1.66
C ASP A 39 -20.34 23.69 -0.95
N GLU A 40 -20.27 23.94 0.35
CA GLU A 40 -19.10 23.60 1.16
C GLU A 40 -18.60 22.17 1.03
N LEU A 41 -19.51 21.19 1.08
CA LEU A 41 -19.12 19.80 0.95
C LEU A 41 -18.56 19.58 -0.44
N ASP A 42 -19.19 20.24 -1.41
CA ASP A 42 -18.76 20.13 -2.78
C ASP A 42 -17.36 20.74 -2.93
N ARG A 43 -17.10 21.81 -2.17
CA ARG A 43 -15.79 22.45 -2.24
C ARG A 43 -14.75 21.47 -1.69
N CYS A 44 -15.13 20.70 -0.68
CA CYS A 44 -14.22 19.72 -0.10
C CYS A 44 -13.79 18.76 -1.20
N CYS A 45 -14.75 18.30 -2.00
CA CYS A 45 -14.46 17.37 -3.08
C CYS A 45 -13.60 17.97 -4.17
N GLU A 46 -13.81 19.26 -4.45
CA GLU A 46 -13.02 19.95 -5.47
C GLU A 46 -11.58 20.02 -4.97
N THR A 47 -11.44 20.46 -3.72
CA THR A 47 -10.12 20.58 -3.09
C THR A 47 -9.42 19.23 -3.16
N HIS A 48 -10.13 18.18 -2.78
CA HIS A 48 -9.57 16.82 -2.80
C HIS A 48 -8.96 16.50 -4.16
N ASP A 49 -9.69 16.82 -5.22
CA ASP A 49 -9.21 16.54 -6.56
C ASP A 49 -7.94 17.33 -6.85
N CYS A 50 -7.90 18.59 -6.42
CA CYS A 50 -6.72 19.40 -6.64
C CYS A 50 -5.55 18.87 -5.81
N CYS A 51 -5.87 18.16 -4.73
CA CYS A 51 -4.84 17.59 -3.88
C CYS A 51 -4.19 16.46 -4.67
N TYR A 52 -5.01 15.69 -5.40
CA TYR A 52 -4.48 14.61 -6.21
C TYR A 52 -3.62 15.19 -7.34
N ARG A 53 -3.99 16.37 -7.81
CA ARG A 53 -3.23 17.00 -8.87
C ARG A 53 -1.85 17.35 -8.32
N ASP A 54 -1.82 17.97 -7.15
CA ASP A 54 -0.57 18.34 -6.47
C ASP A 54 0.30 17.10 -6.26
N ALA A 55 -0.32 16.00 -5.87
CA ALA A 55 0.41 14.76 -5.63
C ALA A 55 1.21 14.35 -6.85
N LYS A 56 0.59 14.41 -8.03
CA LYS A 56 1.25 14.03 -9.27
C LYS A 56 2.42 14.92 -9.63
N ASN A 57 2.57 16.03 -8.91
CA ASN A 57 3.66 16.94 -9.18
C ASN A 57 4.79 16.77 -8.19
N LEU A 58 4.59 15.90 -7.20
CA LEU A 58 5.62 15.62 -6.22
C LEU A 58 6.72 14.80 -6.90
N ASP A 59 7.97 15.06 -6.52
CA ASP A 59 9.10 14.37 -7.10
C ASP A 59 8.92 12.85 -7.03
N SER A 60 8.70 12.36 -5.82
CA SER A 60 8.52 10.93 -5.59
C SER A 60 7.37 10.37 -6.42
N CYS A 61 6.21 11.01 -6.34
CA CYS A 61 5.06 10.54 -7.11
C CYS A 61 5.35 10.54 -8.61
N LYS A 62 5.99 11.60 -9.11
CA LYS A 62 6.33 11.69 -10.53
C LYS A 62 7.09 10.45 -10.98
N PHE A 63 8.20 10.18 -10.30
CA PHE A 63 9.06 9.03 -10.61
C PHE A 63 8.28 7.73 -10.55
N LEU A 64 7.30 7.64 -9.66
CA LEU A 64 6.53 6.41 -9.56
C LEU A 64 5.42 6.38 -10.61
N VAL A 65 5.08 7.55 -11.15
CA VAL A 65 4.00 7.64 -12.13
C VAL A 65 2.82 6.99 -11.42
N ASP A 66 2.73 7.28 -10.12
CA ASP A 66 1.67 6.72 -9.28
C ASP A 66 0.29 7.28 -9.58
N ASN A 67 -0.70 6.41 -9.53
CA ASN A 67 -2.10 6.77 -9.77
C ASN A 67 -2.76 6.88 -8.39
N PRO A 68 -3.10 8.11 -7.96
CA PRO A 68 -3.74 8.34 -6.66
C PRO A 68 -4.91 7.41 -6.35
N TYR A 69 -5.73 7.14 -7.37
CA TYR A 69 -6.90 6.29 -7.22
C TYR A 69 -6.60 4.81 -6.98
N THR A 70 -5.43 4.35 -7.38
CA THR A 70 -5.09 2.94 -7.22
C THR A 70 -3.87 2.71 -6.33
N GLU A 71 -3.19 3.78 -5.97
CA GLU A 71 -2.03 3.67 -5.10
C GLU A 71 -2.53 3.33 -3.71
N SER A 72 -2.07 2.20 -3.16
CA SER A 72 -2.48 1.78 -1.83
C SER A 72 -1.53 2.30 -0.76
N TYR A 73 -2.07 2.68 0.39
CA TYR A 73 -1.25 3.18 1.50
C TYR A 73 -1.66 2.50 2.80
N SER A 74 -0.92 2.79 3.88
CA SER A 74 -1.23 2.21 5.19
C SER A 74 -1.83 3.27 6.08
N TYR A 75 -2.95 2.93 6.71
CA TYR A 75 -3.68 3.83 7.61
C TYR A 75 -4.38 2.98 8.68
N SER A 76 -4.79 3.64 9.75
CA SER A 76 -5.52 3.00 10.84
C SER A 76 -6.56 4.00 11.36
N CYS A 77 -7.68 3.48 11.84
CA CYS A 77 -8.78 4.30 12.36
C CYS A 77 -8.94 4.04 13.85
N SER A 78 -9.13 5.11 14.62
CA SER A 78 -9.30 5.00 16.06
C SER A 78 -10.32 6.01 16.58
N ASN A 79 -11.52 5.53 16.88
CA ASN A 79 -12.58 6.38 17.39
C ASN A 79 -12.81 7.65 16.57
N THR A 80 -13.15 7.49 15.29
CA THR A 80 -13.42 8.65 14.45
C THR A 80 -12.15 9.40 13.99
N GLU A 81 -11.00 8.97 14.50
CA GLU A 81 -9.74 9.62 14.18
C GLU A 81 -8.90 8.81 13.18
N ILE A 82 -8.46 9.48 12.11
CA ILE A 82 -7.66 8.84 11.07
C ILE A 82 -6.15 9.06 11.26
N THR A 83 -5.36 8.03 10.98
CA THR A 83 -3.91 8.10 11.08
C THR A 83 -3.26 7.43 9.87
N CYS A 84 -2.43 8.19 9.16
CA CYS A 84 -1.71 7.70 7.98
C CYS A 84 -0.36 7.17 8.48
N ASN A 85 -0.15 5.87 8.34
CA ASN A 85 1.08 5.23 8.80
C ASN A 85 2.32 6.00 8.33
N SER A 86 3.18 6.35 9.29
CA SER A 86 4.39 7.11 9.00
C SER A 86 5.38 6.27 8.19
N LYS A 87 5.05 5.01 7.95
CA LYS A 87 5.92 4.13 7.17
C LYS A 87 5.58 4.11 5.68
N ASN A 88 4.53 4.83 5.30
CA ASN A 88 4.12 4.95 3.89
C ASN A 88 5.26 5.73 3.24
N ASN A 89 5.50 5.54 1.94
CA ASN A 89 6.56 6.30 1.33
C ASN A 89 6.01 7.70 1.11
N ALA A 90 6.89 8.67 0.86
CA ALA A 90 6.47 10.04 0.67
C ALA A 90 5.27 10.21 -0.27
N CYS A 91 5.23 9.49 -1.39
CA CYS A 91 4.10 9.65 -2.31
C CYS A 91 2.83 9.11 -1.68
N GLU A 92 2.91 7.90 -1.13
CA GLU A 92 1.77 7.26 -0.48
C GLU A 92 1.27 8.11 0.68
N ALA A 93 2.21 8.70 1.40
CA ALA A 93 1.90 9.53 2.56
C ALA A 93 1.17 10.80 2.15
N PHE A 94 1.49 11.32 0.97
CA PHE A 94 0.82 12.54 0.53
C PHE A 94 -0.61 12.21 0.10
N ILE A 95 -0.76 11.08 -0.57
CA ILE A 95 -2.06 10.63 -1.04
C ILE A 95 -3.00 10.32 0.14
N CYS A 96 -2.49 9.62 1.14
CA CYS A 96 -3.29 9.29 2.31
C CYS A 96 -3.75 10.58 2.97
N ASN A 97 -2.84 11.53 3.11
CA ASN A 97 -3.16 12.82 3.73
C ASN A 97 -4.25 13.57 2.96
N CYS A 98 -4.24 13.44 1.63
CA CYS A 98 -5.25 14.09 0.78
C CYS A 98 -6.60 13.52 1.21
N ASP A 99 -6.69 12.20 1.22
CA ASP A 99 -7.91 11.51 1.60
C ASP A 99 -8.32 11.88 3.03
N ARG A 100 -7.34 11.94 3.93
CA ARG A 100 -7.60 12.29 5.32
C ARG A 100 -8.18 13.70 5.44
N ASN A 101 -7.58 14.65 4.70
CA ASN A 101 -8.07 16.02 4.75
C ASN A 101 -9.48 16.08 4.21
N ALA A 102 -9.73 15.32 3.15
CA ALA A 102 -11.04 15.27 2.52
C ALA A 102 -12.08 14.73 3.50
N ALA A 103 -11.83 13.54 4.03
CA ALA A 103 -12.77 12.92 4.99
C ALA A 103 -13.12 13.87 6.13
N ILE A 104 -12.13 14.57 6.68
CA ILE A 104 -12.37 15.50 7.77
C ILE A 104 -13.23 16.68 7.32
N CYS A 105 -12.96 17.14 6.10
CA CYS A 105 -13.69 18.27 5.53
C CYS A 105 -15.15 17.85 5.37
N PHE A 106 -15.38 16.63 4.91
CA PHE A 106 -16.73 16.12 4.72
C PHE A 106 -17.48 16.16 6.06
N SER A 107 -16.85 15.58 7.07
CA SER A 107 -17.44 15.51 8.41
C SER A 107 -17.83 16.86 8.99
N LYS A 108 -17.18 17.93 8.53
CA LYS A 108 -17.49 19.26 9.04
C LYS A 108 -18.57 19.96 8.22
N ALA A 109 -18.59 19.67 6.93
CA ALA A 109 -19.53 20.28 6.01
C ALA A 109 -20.97 19.82 6.20
N PRO A 110 -21.94 20.73 6.00
CA PRO A 110 -23.37 20.40 6.14
C PRO A 110 -23.76 19.56 4.95
N TYR A 111 -24.63 18.58 5.15
CA TYR A 111 -25.05 17.74 4.04
C TYR A 111 -26.38 18.20 3.49
N ASN A 112 -26.38 18.55 2.21
CA ASN A 112 -27.57 19.02 1.53
C ASN A 112 -28.04 17.98 0.52
N LYS A 113 -28.99 17.14 0.93
CA LYS A 113 -29.51 16.07 0.09
C LYS A 113 -30.08 16.45 -1.28
N GLU A 114 -30.37 17.72 -1.52
CA GLU A 114 -30.90 18.08 -2.83
C GLU A 114 -29.80 18.27 -3.86
N HIS A 115 -28.55 18.21 -3.40
CA HIS A 115 -27.40 18.35 -4.28
C HIS A 115 -26.97 16.99 -4.82
N LYS A 116 -27.62 15.93 -4.35
CA LYS A 116 -27.32 14.58 -4.78
C LYS A 116 -27.67 14.35 -6.25
N ASN A 117 -26.84 13.56 -6.92
CA ASN A 117 -27.06 13.23 -8.32
C ASN A 117 -27.54 14.40 -9.17
N LEU A 118 -26.75 15.47 -9.21
CA LEU A 118 -27.08 16.63 -10.01
C LEU A 118 -26.80 16.29 -11.47
N ASP A 119 -27.41 17.03 -12.39
CA ASP A 119 -27.19 16.82 -13.81
C ASP A 119 -25.95 17.60 -14.22
N THR A 120 -24.81 16.93 -14.21
CA THR A 120 -23.52 17.55 -14.55
C THR A 120 -23.58 18.36 -15.84
N LYS A 121 -24.49 17.99 -16.74
CA LYS A 121 -24.63 18.66 -18.03
C LYS A 121 -25.45 19.95 -17.95
N LYS A 122 -26.13 20.18 -16.84
CA LYS A 122 -26.94 21.38 -16.70
C LYS A 122 -26.68 22.07 -15.36
N TYR A 123 -25.50 21.84 -14.80
CA TYR A 123 -25.15 22.45 -13.53
C TYR A 123 -23.64 22.48 -13.31
N CYS A 124 -22.92 21.71 -14.11
CA CYS A 124 -21.47 21.64 -13.93
C CYS A 124 -20.62 21.81 -15.16
N LYS A 125 -21.19 22.26 -16.26
CA LYS A 125 -20.39 22.47 -17.47
C LYS A 125 -19.40 23.59 -17.23
N GLY A 126 -18.19 23.43 -17.75
CA GLY A 126 -17.16 24.45 -17.57
C GLY A 126 -15.91 23.93 -16.87
N GLU A 127 -15.03 24.86 -16.50
CA GLU A 127 -13.78 24.51 -15.83
C GLU A 127 -13.79 24.73 -14.32
N SER A 128 -12.89 24.06 -13.63
CA SER A 128 -12.77 24.20 -12.19
C SER A 128 -12.30 25.60 -11.83
N ASP A 129 -12.69 26.07 -10.65
CA ASP A 129 -12.31 27.39 -10.18
C ASP A 129 -10.83 27.47 -9.82
N LYS A 130 -10.32 26.39 -9.22
CA LYS A 130 -8.90 26.30 -8.83
C LYS A 130 -8.36 24.97 -9.32
N CYS A 131 -7.19 25.00 -9.96
CA CYS A 131 -6.57 23.80 -10.51
C CYS A 131 -7.46 23.16 -11.58
N ALA B 1 5.55 -3.39 2.14
CA ALA B 1 6.63 -2.64 2.85
C ALA B 1 7.35 -3.60 3.79
N LEU B 2 8.55 -3.21 4.21
CA LEU B 2 9.34 -4.06 5.09
C LEU B 2 8.56 -4.45 6.32
N TRP B 3 8.06 -3.47 7.08
CA TRP B 3 7.31 -3.78 8.28
C TRP B 3 6.16 -4.72 8.03
N GLN B 4 5.54 -4.65 6.85
CA GLN B 4 4.41 -5.52 6.52
C GLN B 4 4.87 -6.97 6.36
N PHE B 5 6.03 -7.14 5.71
CA PHE B 5 6.61 -8.46 5.48
C PHE B 5 6.85 -9.11 6.84
N ARG B 6 7.38 -8.32 7.76
CA ARG B 6 7.66 -8.76 9.10
C ARG B 6 6.36 -9.30 9.71
N SER B 7 5.30 -8.51 9.59
CA SER B 7 3.99 -8.85 10.11
C SER B 7 3.47 -10.17 9.54
N LEU B 8 3.65 -10.36 8.24
CA LEU B 8 3.19 -11.59 7.61
C LEU B 8 3.92 -12.79 8.20
N ILE B 9 5.18 -12.62 8.51
CA ILE B 9 5.96 -13.71 9.09
C ILE B 9 5.47 -13.99 10.50
N LYS B 10 5.12 -12.95 11.24
CA LYS B 10 4.61 -13.15 12.60
C LYS B 10 3.28 -13.87 12.54
N CYS B 11 2.49 -13.55 11.52
CA CYS B 11 1.19 -14.22 11.36
C CYS B 11 1.40 -15.70 11.11
N ALA B 12 2.29 -16.02 10.20
CA ALA B 12 2.58 -17.41 9.85
C ALA B 12 3.33 -18.14 10.96
N ILE B 13 4.14 -17.41 11.70
CA ILE B 13 4.90 -18.02 12.78
C ILE B 13 4.71 -17.20 14.05
N PRO B 14 3.61 -17.44 14.76
CA PRO B 14 3.30 -16.72 16.00
C PRO B 14 4.44 -16.86 16.99
N GLY B 15 4.86 -15.74 17.56
CA GLY B 15 5.94 -15.77 18.52
C GLY B 15 7.33 -15.58 17.93
N SER B 16 7.42 -15.50 16.62
CA SER B 16 8.71 -15.31 15.98
C SER B 16 9.09 -13.83 15.99
N HIS B 17 10.38 -13.56 15.88
CA HIS B 17 10.91 -12.21 15.82
C HIS B 17 11.65 -12.17 14.48
N PRO B 18 10.91 -12.05 13.37
CA PRO B 18 11.42 -12.02 11.99
C PRO B 18 12.79 -11.38 11.80
N LEU B 19 12.91 -10.11 12.21
CA LEU B 19 14.15 -9.38 12.05
C LEU B 19 15.36 -10.06 12.63
N LEU B 20 15.14 -11.02 13.52
CA LEU B 20 16.26 -11.73 14.13
C LEU B 20 16.35 -13.16 13.63
N ASP B 21 15.27 -13.89 13.79
CA ASP B 21 15.22 -15.29 13.40
C ASP B 21 15.61 -15.55 11.94
N PHE B 22 15.22 -14.65 11.05
CA PHE B 22 15.48 -14.85 9.64
C PHE B 22 16.47 -13.89 9.00
N ASN B 23 17.44 -13.47 9.81
CA ASN B 23 18.49 -12.58 9.33
C ASN B 23 19.75 -13.34 9.68
N ASN B 24 20.76 -13.26 8.81
CA ASN B 24 22.00 -14.00 9.03
C ASN B 24 21.76 -15.49 9.23
N TYR B 25 21.06 -16.08 8.27
CA TYR B 25 20.79 -17.52 8.29
C TYR B 25 21.06 -18.05 6.88
N GLY B 26 21.77 -19.16 6.78
CA GLY B 26 22.05 -19.73 5.47
C GLY B 26 22.80 -18.76 4.56
N CYS B 27 22.64 -18.95 3.25
CA CYS B 27 23.30 -18.11 2.27
C CYS B 27 22.41 -16.97 1.76
N TYR B 28 21.11 -17.06 1.98
CA TYR B 28 20.21 -16.01 1.49
C TYR B 28 19.31 -15.33 2.51
N CYS B 29 19.16 -15.91 3.69
CA CYS B 29 18.31 -15.25 4.67
C CYS B 29 19.06 -14.07 5.25
N GLY B 30 18.74 -12.89 4.72
CA GLY B 30 19.37 -11.64 5.14
C GLY B 30 19.54 -10.77 3.92
N LEU B 31 20.16 -9.61 4.06
CA LEU B 31 20.36 -8.73 2.92
C LEU B 31 21.29 -9.33 1.85
N GLY B 32 22.17 -10.22 2.27
CA GLY B 32 23.08 -10.86 1.33
C GLY B 32 22.39 -11.92 0.48
N GLY B 33 23.10 -12.44 -0.52
CA GLY B 33 22.50 -13.45 -1.36
C GLY B 33 23.35 -14.01 -2.48
N SER B 34 24.09 -15.07 -2.19
CA SER B 34 24.94 -15.67 -3.20
C SER B 34 25.14 -17.15 -2.92
N GLY B 35 25.59 -17.88 -3.93
CA GLY B 35 25.84 -19.30 -3.79
C GLY B 35 24.59 -20.16 -3.85
N THR B 36 24.68 -21.35 -3.27
CA THR B 36 23.55 -22.28 -3.26
C THR B 36 22.96 -22.38 -1.84
N PRO B 37 21.62 -22.38 -1.73
CA PRO B 37 20.91 -22.49 -0.45
C PRO B 37 21.38 -23.70 0.32
N VAL B 38 21.43 -23.57 1.65
CA VAL B 38 21.89 -24.66 2.50
C VAL B 38 20.79 -25.63 2.92
N ASP B 39 19.55 -25.16 2.88
CA ASP B 39 18.42 -25.99 3.25
C ASP B 39 17.11 -25.37 2.76
N GLU B 40 16.00 -26.05 3.05
CA GLU B 40 14.71 -25.56 2.61
C GLU B 40 14.47 -24.12 3.05
N LEU B 41 14.70 -23.82 4.32
CA LEU B 41 14.47 -22.46 4.78
C LEU B 41 15.28 -21.46 3.97
N ASP B 42 16.56 -21.75 3.77
CA ASP B 42 17.41 -20.86 3.00
C ASP B 42 16.88 -20.74 1.58
N ARG B 43 16.32 -21.82 1.05
CA ARG B 43 15.78 -21.78 -0.30
C ARG B 43 14.57 -20.85 -0.34
N CYS B 44 13.88 -20.74 0.78
CA CYS B 44 12.73 -19.86 0.89
C CYS B 44 13.24 -18.45 0.69
N CYS B 45 14.31 -18.12 1.42
CA CYS B 45 14.88 -16.78 1.32
C CYS B 45 15.38 -16.49 -0.08
N GLU B 46 16.05 -17.45 -0.72
CA GLU B 46 16.53 -17.24 -2.08
C GLU B 46 15.36 -16.86 -2.99
N THR B 47 14.28 -17.64 -2.94
CA THR B 47 13.09 -17.36 -3.75
C THR B 47 12.58 -15.94 -3.52
N HIS B 48 12.50 -15.53 -2.26
CA HIS B 48 12.03 -14.18 -1.94
C HIS B 48 12.95 -13.18 -2.65
N ASP B 49 14.26 -13.34 -2.50
CA ASP B 49 15.21 -12.45 -3.14
C ASP B 49 14.95 -12.41 -4.65
N CYS B 50 14.75 -13.59 -5.26
CA CYS B 50 14.48 -13.66 -6.68
C CYS B 50 13.14 -13.03 -7.04
N CYS B 51 12.17 -13.17 -6.16
CA CYS B 51 10.86 -12.58 -6.41
C CYS B 51 11.07 -11.08 -6.52
N TYR B 52 11.76 -10.50 -5.55
CA TYR B 52 12.02 -9.07 -5.58
C TYR B 52 12.78 -8.65 -6.84
N ARG B 53 13.75 -9.45 -7.28
CA ARG B 53 14.48 -9.11 -8.49
C ARG B 53 13.50 -9.04 -9.68
N ASP B 54 12.64 -10.05 -9.79
CA ASP B 54 11.67 -10.06 -10.87
C ASP B 54 10.88 -8.75 -10.89
N ALA B 55 10.42 -8.31 -9.71
CA ALA B 55 9.64 -7.07 -9.62
C ALA B 55 10.48 -5.90 -10.13
N LYS B 56 11.73 -5.85 -9.69
CA LYS B 56 12.66 -4.79 -10.08
C LYS B 56 12.96 -4.87 -11.59
N ASN B 57 12.73 -6.04 -12.18
CA ASN B 57 12.98 -6.21 -13.59
C ASN B 57 11.87 -5.61 -14.42
N LEU B 58 10.62 -5.84 -14.00
CA LEU B 58 9.46 -5.32 -14.71
C LEU B 58 9.55 -3.81 -14.85
N ASP B 59 9.22 -3.30 -16.04
CA ASP B 59 9.26 -1.86 -16.30
C ASP B 59 7.97 -1.19 -15.84
N SER B 60 6.90 -1.98 -15.69
CA SER B 60 5.61 -1.46 -15.27
C SER B 60 5.54 -1.23 -13.76
N CYS B 61 6.63 -1.52 -13.06
CA CYS B 61 6.67 -1.33 -11.61
C CYS B 61 7.88 -0.51 -11.21
N LYS B 62 7.61 0.67 -10.66
CA LYS B 62 8.69 1.55 -10.23
C LYS B 62 8.76 1.43 -8.72
N PHE B 63 9.96 1.62 -8.18
CA PHE B 63 10.15 1.54 -6.74
C PHE B 63 11.17 2.59 -6.33
N LEU B 64 10.82 3.39 -5.33
CA LEU B 64 11.73 4.41 -4.85
C LEU B 64 13.02 3.71 -4.42
N VAL B 65 14.15 4.24 -4.86
CA VAL B 65 15.46 3.67 -4.52
C VAL B 65 15.52 2.22 -5.02
N ASP B 66 14.76 1.92 -6.08
CA ASP B 66 14.73 0.58 -6.65
C ASP B 66 14.56 -0.48 -5.56
N ASN B 67 13.92 -0.08 -4.45
CA ASN B 67 13.71 -0.96 -3.31
C ASN B 67 12.23 -1.30 -3.11
N PRO B 68 11.82 -2.52 -3.50
CA PRO B 68 10.42 -2.94 -3.36
C PRO B 68 9.86 -2.78 -1.95
N TYR B 69 10.74 -2.68 -0.95
CA TYR B 69 10.29 -2.51 0.42
C TYR B 69 9.65 -1.17 0.68
N THR B 70 9.83 -0.22 -0.23
CA THR B 70 9.23 1.08 -0.07
C THR B 70 7.80 1.03 -0.60
N GLU B 71 7.44 -0.09 -1.20
CA GLU B 71 6.09 -0.27 -1.74
C GLU B 71 5.13 -0.78 -0.67
N SER B 72 4.17 0.05 -0.29
CA SER B 72 3.20 -0.37 0.72
C SER B 72 2.02 -1.05 0.06
N TYR B 73 1.55 -2.15 0.66
CA TYR B 73 0.42 -2.88 0.12
C TYR B 73 -0.61 -3.16 1.20
N SER B 74 -1.80 -3.59 0.77
CA SER B 74 -2.88 -3.89 1.70
C SER B 74 -2.94 -5.40 1.89
N TYR B 75 -2.87 -5.82 3.15
CA TYR B 75 -2.90 -7.24 3.46
C TYR B 75 -3.78 -7.45 4.68
N SER B 76 -3.95 -8.71 5.04
CA SER B 76 -4.77 -9.08 6.18
C SER B 76 -4.29 -10.45 6.63
N CYS B 77 -4.19 -10.65 7.93
CA CYS B 77 -3.76 -11.95 8.43
C CYS B 77 -3.96 -12.21 9.90
N SER B 78 -4.05 -13.50 10.23
CA SER B 78 -4.21 -13.97 11.59
C SER B 78 -3.21 -15.12 11.67
N ASN B 79 -3.11 -15.75 12.83
CA ASN B 79 -2.18 -16.86 13.00
C ASN B 79 -2.64 -18.06 12.17
N THR B 80 -3.80 -17.93 11.55
CA THR B 80 -4.34 -19.02 10.77
C THR B 80 -4.44 -18.79 9.26
N GLU B 81 -4.45 -17.52 8.85
CA GLU B 81 -4.59 -17.19 7.43
C GLU B 81 -3.90 -15.88 7.05
N ILE B 82 -3.40 -15.80 5.82
CA ILE B 82 -2.74 -14.58 5.33
C ILE B 82 -3.35 -14.20 3.99
N THR B 83 -3.86 -12.98 3.89
CA THR B 83 -4.47 -12.53 2.65
C THR B 83 -3.91 -11.23 2.08
N CYS B 84 -3.57 -11.26 0.79
CA CYS B 84 -3.10 -10.07 0.09
C CYS B 84 -4.35 -9.53 -0.57
N ASN B 85 -4.86 -8.41 -0.07
CA ASN B 85 -6.07 -7.82 -0.62
C ASN B 85 -6.03 -7.83 -2.14
N SER B 86 -7.13 -8.25 -2.76
CA SER B 86 -7.22 -8.30 -4.21
C SER B 86 -7.32 -6.91 -4.83
N LYS B 87 -7.51 -5.91 -3.98
CA LYS B 87 -7.63 -4.53 -4.44
C LYS B 87 -6.29 -3.85 -4.67
N ASN B 88 -5.21 -4.57 -4.33
CA ASN B 88 -3.85 -4.05 -4.54
C ASN B 88 -3.66 -3.88 -6.03
N ASN B 89 -2.72 -3.03 -6.43
CA ASN B 89 -2.45 -2.88 -7.86
C ASN B 89 -1.44 -3.96 -8.23
N ALA B 90 -1.35 -4.26 -9.52
CA ALA B 90 -0.45 -5.28 -10.03
C ALA B 90 0.89 -5.36 -9.30
N CYS B 91 1.57 -4.23 -9.14
CA CYS B 91 2.85 -4.22 -8.47
C CYS B 91 2.73 -4.51 -6.97
N GLU B 92 1.72 -3.94 -6.34
CA GLU B 92 1.52 -4.16 -4.90
C GLU B 92 1.24 -5.63 -4.59
N ALA B 93 0.39 -6.25 -5.40
CA ALA B 93 0.05 -7.66 -5.21
C ALA B 93 1.26 -8.57 -5.50
N PHE B 94 2.17 -8.10 -6.33
CA PHE B 94 3.36 -8.88 -6.66
C PHE B 94 4.28 -8.92 -5.44
N ILE B 95 4.49 -7.77 -4.81
CA ILE B 95 5.35 -7.69 -3.63
C ILE B 95 4.67 -8.40 -2.46
N CYS B 96 3.38 -8.16 -2.31
CA CYS B 96 2.64 -8.77 -1.21
C CYS B 96 2.71 -10.29 -1.33
N ASN B 97 2.52 -10.80 -2.55
CA ASN B 97 2.58 -12.24 -2.74
C ASN B 97 4.00 -12.73 -2.49
N CYS B 98 5.00 -11.94 -2.87
CA CYS B 98 6.40 -12.33 -2.63
C CYS B 98 6.58 -12.56 -1.13
N ASP B 99 6.16 -11.58 -0.35
CA ASP B 99 6.25 -11.67 1.09
C ASP B 99 5.36 -12.79 1.63
N ARG B 100 4.11 -12.82 1.18
CA ARG B 100 3.16 -13.84 1.62
C ARG B 100 3.70 -15.25 1.42
N ASN B 101 4.19 -15.53 0.22
CA ASN B 101 4.73 -16.85 -0.07
C ASN B 101 5.97 -17.18 0.78
N ALA B 102 6.76 -16.16 1.09
CA ALA B 102 7.97 -16.39 1.89
C ALA B 102 7.56 -16.79 3.30
N ALA B 103 6.63 -16.04 3.89
CA ALA B 103 6.18 -16.31 5.24
C ALA B 103 5.62 -17.72 5.34
N ILE B 104 4.91 -18.16 4.30
CA ILE B 104 4.35 -19.50 4.30
C ILE B 104 5.50 -20.50 4.26
N CYS B 105 6.39 -20.27 3.31
CA CYS B 105 7.56 -21.12 3.10
C CYS B 105 8.38 -21.23 4.39
N PHE B 106 8.46 -20.15 5.16
CA PHE B 106 9.22 -20.14 6.41
C PHE B 106 8.52 -20.96 7.49
N SER B 107 7.21 -20.85 7.57
CA SER B 107 6.45 -21.52 8.61
C SER B 107 6.59 -23.04 8.64
N LYS B 108 6.79 -23.68 7.50
CA LYS B 108 6.92 -25.13 7.49
C LYS B 108 8.33 -25.62 7.16
N ALA B 109 9.28 -24.70 7.04
CA ALA B 109 10.65 -25.14 6.75
C ALA B 109 11.37 -25.40 8.07
N PRO B 110 12.12 -26.49 8.16
CA PRO B 110 12.84 -26.77 9.39
C PRO B 110 13.88 -25.69 9.67
N TYR B 111 13.96 -25.26 10.92
CA TYR B 111 14.91 -24.23 11.33
C TYR B 111 16.13 -24.94 11.90
N ASN B 112 17.16 -25.11 11.07
CA ASN B 112 18.39 -25.81 11.48
C ASN B 112 19.40 -24.89 12.16
N LYS B 113 19.53 -25.05 13.47
CA LYS B 113 20.43 -24.23 14.29
C LYS B 113 21.83 -24.05 13.73
N GLU B 114 22.37 -25.10 13.12
CA GLU B 114 23.72 -25.07 12.57
C GLU B 114 23.93 -24.15 11.38
N HIS B 115 22.84 -23.67 10.80
CA HIS B 115 22.90 -22.78 9.63
C HIS B 115 22.80 -21.30 9.96
N LYS B 116 22.54 -20.96 11.22
CA LYS B 116 22.46 -19.55 11.61
C LYS B 116 23.90 -19.02 11.65
N ASN B 117 24.12 -17.81 11.16
CA ASN B 117 25.47 -17.24 11.15
C ASN B 117 26.41 -18.16 10.40
N LEU B 118 25.95 -18.61 9.23
CA LEU B 118 26.73 -19.51 8.40
C LEU B 118 28.07 -18.90 8.01
N ASP B 119 29.08 -19.77 7.87
CA ASP B 119 30.38 -19.32 7.41
C ASP B 119 30.12 -19.09 5.93
N THR B 120 29.63 -17.90 5.60
CA THR B 120 29.30 -17.56 4.22
C THR B 120 30.45 -17.65 3.23
N LYS B 121 31.66 -17.35 3.68
CA LYS B 121 32.82 -17.39 2.79
C LYS B 121 33.11 -18.82 2.32
N LYS B 122 32.94 -19.78 3.21
CA LYS B 122 33.20 -21.18 2.89
C LYS B 122 32.08 -21.93 2.19
N TYR B 123 30.83 -21.57 2.45
CA TYR B 123 29.71 -22.29 1.84
C TYR B 123 28.81 -21.55 0.85
N CYS B 124 29.02 -20.26 0.66
CA CYS B 124 28.16 -19.53 -0.26
C CYS B 124 28.90 -19.05 -1.51
N LYS B 125 29.94 -19.77 -1.88
CA LYS B 125 30.71 -19.43 -3.06
C LYS B 125 29.97 -19.92 -4.28
N GLY B 126 29.99 -19.12 -5.33
CA GLY B 126 29.32 -19.50 -6.55
C GLY B 126 28.15 -18.58 -6.82
N GLU B 127 27.22 -19.04 -7.66
CA GLU B 127 26.07 -18.23 -8.01
C GLU B 127 24.75 -18.99 -7.86
N SER B 128 23.66 -18.24 -7.94
CA SER B 128 22.32 -18.78 -7.81
C SER B 128 21.89 -19.51 -9.08
N ASP B 129 20.95 -20.43 -8.92
CA ASP B 129 20.42 -21.22 -10.03
C ASP B 129 18.99 -20.77 -10.23
N LYS B 130 18.44 -20.13 -9.20
CA LYS B 130 17.07 -19.63 -9.19
C LYS B 130 16.94 -18.42 -10.09
N CYS B 131 17.86 -17.48 -9.96
CA CYS B 131 17.84 -16.27 -10.78
C CYS B 131 19.18 -15.57 -10.72
#